data_6YQG
#
_entry.id   6YQG
#
_cell.length_a   108.208
_cell.length_b   108.208
_cell.length_c   66.050
_cell.angle_alpha   90.000
_cell.angle_beta   90.000
_cell.angle_gamma   120.000
#
_symmetry.space_group_name_H-M   'P 63'
#
loop_
_entity.id
_entity.type
_entity.pdbx_description
1 polymer 'C-phycocyanin alpha chain'
2 polymer 'C-phycocyanin beta chain'
3 non-polymer PHYCOCYANOBILIN
4 non-polymer Tetracaine
5 water water
#
loop_
_entity_poly.entity_id
_entity_poly.type
_entity_poly.pdbx_seq_one_letter_code
_entity_poly.pdbx_strand_id
1 'polypeptide(L)'
;MKTPITEAIAAADTQGRFLSNTELQAVDGRFKRAVASMEAARALTNNAQSLIDGAAQAVYQKFPYTTTMQGSQYASTPEG
KAKCARDIGYYLRMVTYCLVAGGTGPMDEYLIAGLSEINSTFDLSPSWYIEALKYIKANHGLTGQAAVEANAYIDYAINA
LS
;
A
2 'polypeptide(L)'
;MLDAFAKVVAQADARGEFLTNAQFDALSNLVKEGNKRLDAVNRITSNASTIVANAARALFAEQPQLIQPGG(MEN)AYTN
RRMAACLRDMEIILRYVTYAILAGDSSVLDDRCLNGLRETYQALGTPGSSVAVAIQKMKDAAIAIANDPNGITPGDCSAL
MSEIAGYFDRAAAAVA
;
B
#
loop_
_chem_comp.id
_chem_comp.type
_chem_comp.name
_chem_comp.formula
CYC non-polymer PHYCOCYANOBILIN 'C33 H40 N4 O6'
TE4 non-polymer Tetracaine 'C15 H24 N2 O2'
#
# COMPACT_ATOMS: atom_id res chain seq x y z
N MET A 1 0.83 6.45 0.93
CA MET A 1 -0.60 6.55 0.47
C MET A 1 -1.50 6.09 1.59
N LYS A 2 -2.61 6.78 1.79
CA LYS A 2 -3.58 6.36 2.80
C LYS A 2 -4.50 5.28 2.21
N THR A 3 -4.56 4.16 2.90
CA THR A 3 -5.55 3.10 2.67
C THR A 3 -6.06 2.68 4.05
N PRO A 4 -7.14 1.89 4.12
CA PRO A 4 -7.56 1.38 5.43
C PRO A 4 -6.47 0.61 6.15
N ILE A 5 -5.60 -0.06 5.41
CA ILE A 5 -4.52 -0.84 6.02
C ILE A 5 -3.38 0.09 6.47
N THR A 6 -2.97 1.04 5.62
CA THR A 6 -1.88 1.91 6.07
C THR A 6 -2.33 2.80 7.22
N GLU A 7 -3.62 3.11 7.31
CA GLU A 7 -4.12 3.91 8.43
C GLU A 7 -4.02 3.15 9.73
N ALA A 8 -4.36 1.86 9.73
CA ALA A 8 -4.18 1.05 10.92
C ALA A 8 -2.72 1.03 11.36
N ILE A 9 -1.81 0.80 10.41
CA ILE A 9 -0.38 0.74 10.73
C ILE A 9 0.11 2.08 11.25
N ALA A 10 -0.30 3.17 10.59
CA ALA A 10 0.10 4.50 11.02
C ALA A 10 -0.33 4.79 12.46
N ALA A 11 -1.51 4.32 12.84
CA ALA A 11 -1.98 4.54 14.21
C ALA A 11 -1.08 3.82 15.20
N ALA A 12 -0.74 2.57 14.90
CA ALA A 12 0.16 1.81 15.77
C ALA A 12 1.54 2.46 15.83
N ASP A 13 2.07 2.88 14.67
CA ASP A 13 3.39 3.50 14.62
C ASP A 13 3.41 4.81 15.41
N THR A 14 2.35 5.61 15.29
CA THR A 14 2.28 6.87 16.02
C THR A 14 2.43 6.65 17.52
N GLN A 15 1.88 5.57 18.04
CA GLN A 15 2.00 5.24 19.45
C GLN A 15 3.15 4.31 19.75
N GLY A 16 4.03 4.05 18.78
CA GLY A 16 5.23 3.27 19.02
C GLY A 16 4.97 1.84 19.44
N ARG A 17 3.85 1.27 19.01
CA ARG A 17 3.39 0.01 19.57
C ARG A 17 3.07 -0.99 18.47
N PHE A 18 2.92 -2.25 18.89
CA PHE A 18 2.50 -3.28 17.96
C PHE A 18 1.02 -3.09 17.62
N LEU A 19 0.57 -3.75 16.57
CA LEU A 19 -0.82 -3.60 16.15
C LEU A 19 -1.78 -4.22 17.16
N SER A 20 -2.95 -3.59 17.27
CA SER A 20 -3.99 -4.02 18.19
C SER A 20 -4.96 -4.98 17.51
N ASN A 21 -5.77 -5.66 18.34
CA ASN A 21 -6.78 -6.56 17.80
C ASN A 21 -7.79 -5.79 16.96
N THR A 22 -8.19 -4.60 17.41
CA THR A 22 -9.11 -3.79 16.63
C THR A 22 -8.54 -3.43 15.27
N GLU A 23 -7.24 -3.15 15.22
CA GLU A 23 -6.58 -2.86 13.96
C GLU A 23 -6.58 -4.06 13.03
N LEU A 24 -6.32 -5.27 13.57
CA LEU A 24 -6.39 -6.45 12.73
C LEU A 24 -7.82 -6.69 12.23
N GLN A 25 -8.83 -6.52 13.08
CA GLN A 25 -10.18 -6.71 12.56
C GLN A 25 -10.54 -5.65 11.51
N ALA A 26 -9.99 -4.45 11.63
CA ALA A 26 -10.21 -3.45 10.58
C ALA A 26 -9.68 -3.96 9.23
N VAL A 27 -8.49 -4.56 9.25
CA VAL A 27 -7.92 -5.09 8.01
C VAL A 27 -8.72 -6.30 7.52
N ASP A 28 -9.19 -7.16 8.43
CA ASP A 28 -10.09 -8.23 8.01
C ASP A 28 -11.30 -7.68 7.27
N GLY A 29 -11.90 -6.61 7.79
CA GLY A 29 -13.02 -6.00 7.10
C GLY A 29 -12.65 -5.50 5.72
N ARG A 30 -11.51 -4.84 5.62
CA ARG A 30 -10.99 -4.42 4.31
C ARG A 30 -10.85 -5.61 3.37
N PHE A 31 -10.23 -6.71 3.84
CA PHE A 31 -10.04 -7.87 2.99
C PHE A 31 -11.39 -8.41 2.50
N LYS A 32 -12.40 -8.38 3.35
CA LYS A 32 -13.68 -8.96 2.96
C LYS A 32 -14.40 -8.07 1.96
N ARG A 33 -14.26 -6.76 2.09
CA ARG A 33 -14.88 -5.83 1.15
C ARG A 33 -14.09 -5.70 -0.14
N ALA A 34 -12.81 -6.07 -0.13
CA ALA A 34 -11.94 -5.83 -1.27
C ALA A 34 -12.38 -6.64 -2.48
N VAL A 35 -13.03 -7.77 -2.23
CA VAL A 35 -13.48 -8.65 -3.29
C VAL A 35 -14.39 -7.91 -4.26
N ALA A 36 -15.46 -7.32 -3.73
CA ALA A 36 -16.42 -6.65 -4.57
C ALA A 36 -15.83 -5.41 -5.22
N SER A 37 -14.97 -4.68 -4.49
CA SER A 37 -14.33 -3.48 -5.03
C SER A 37 -13.45 -3.82 -6.23
N MET A 38 -12.62 -4.85 -6.10
CA MET A 38 -11.71 -5.18 -7.20
C MET A 38 -12.48 -5.69 -8.40
N GLU A 39 -13.61 -6.38 -8.17
CA GLU A 39 -14.45 -6.79 -9.30
C GLU A 39 -14.99 -5.57 -10.03
N ALA A 40 -15.43 -4.54 -9.28
CA ALA A 40 -15.85 -3.29 -9.92
C ALA A 40 -14.73 -2.69 -10.76
N ALA A 41 -13.51 -2.66 -10.21
CA ALA A 41 -12.39 -2.07 -10.94
C ALA A 41 -12.09 -2.84 -12.23
N ARG A 42 -12.20 -4.17 -12.18
CA ARG A 42 -11.93 -4.96 -13.38
C ARG A 42 -13.01 -4.73 -14.43
N ALA A 43 -14.28 -4.63 -14.01
CA ALA A 43 -15.35 -4.35 -14.97
C ALA A 43 -15.15 -3.01 -15.66
N LEU A 44 -14.80 -1.97 -14.88
CA LEU A 44 -14.53 -0.66 -15.47
C LEU A 44 -13.33 -0.74 -16.42
N THR A 45 -12.28 -1.46 -16.01
CA THR A 45 -11.09 -1.60 -16.81
C THR A 45 -11.43 -2.27 -18.14
N ASN A 46 -12.20 -3.34 -18.08
CA ASN A 46 -12.55 -4.08 -19.30
C ASN A 46 -13.36 -3.24 -20.27
N ASN A 47 -14.09 -2.24 -19.77
CA ASN A 47 -14.96 -1.40 -20.58
C ASN A 47 -14.39 0.00 -20.74
N ALA A 48 -13.10 0.19 -20.47
CA ALA A 48 -12.57 1.54 -20.35
C ALA A 48 -12.65 2.32 -21.66
N GLN A 49 -12.27 1.70 -22.77
CA GLN A 49 -12.24 2.44 -24.04
C GLN A 49 -13.63 2.92 -24.42
N SER A 50 -14.66 2.09 -24.27
CA SER A 50 -16.01 2.54 -24.61
C SER A 50 -16.45 3.67 -23.70
N LEU A 51 -16.10 3.59 -22.41
CA LEU A 51 -16.51 4.63 -21.48
C LEU A 51 -15.80 5.95 -21.79
N ILE A 52 -14.50 5.89 -22.10
CA ILE A 52 -13.73 7.08 -22.42
C ILE A 52 -14.26 7.73 -23.70
N ASP A 53 -14.41 6.92 -24.74
CA ASP A 53 -14.95 7.42 -26.02
C ASP A 53 -16.30 8.09 -25.82
N GLY A 54 -17.20 7.42 -25.09
CA GLY A 54 -18.55 7.96 -24.94
C GLY A 54 -18.54 9.21 -24.09
N ALA A 55 -17.68 9.25 -23.07
CA ALA A 55 -17.64 10.41 -22.21
C ALA A 55 -17.13 11.62 -22.97
N ALA A 56 -16.10 11.44 -23.81
CA ALA A 56 -15.59 12.57 -24.58
C ALA A 56 -16.68 13.13 -25.48
N GLN A 57 -17.39 12.26 -26.19
CA GLN A 57 -18.47 12.74 -27.05
C GLN A 57 -19.55 13.43 -26.24
N ALA A 58 -19.83 12.95 -25.02
CA ALA A 58 -20.81 13.61 -24.18
C ALA A 58 -20.39 15.02 -23.82
N VAL A 59 -19.10 15.23 -23.56
CA VAL A 59 -18.62 16.57 -23.27
C VAL A 59 -18.77 17.47 -24.50
N TYR A 60 -18.36 16.99 -25.67
CA TYR A 60 -18.43 17.80 -26.89
C TYR A 60 -19.87 18.16 -27.23
N GLN A 61 -20.83 17.24 -26.96
CA GLN A 61 -22.23 17.54 -27.21
C GLN A 61 -22.78 18.55 -26.22
N LYS A 62 -22.36 18.45 -24.95
CA LYS A 62 -22.87 19.38 -23.95
C LYS A 62 -22.31 20.77 -24.15
N PHE A 63 -21.07 20.87 -24.62
CA PHE A 63 -20.33 22.13 -24.75
C PHE A 63 -19.78 22.20 -26.17
N PRO A 64 -20.61 22.46 -27.16
CA PRO A 64 -20.11 22.44 -28.54
C PRO A 64 -18.98 23.42 -28.82
N TYR A 65 -18.88 24.52 -28.07
CA TYR A 65 -17.79 25.45 -28.32
C TYR A 65 -16.43 24.79 -28.17
N THR A 66 -16.34 23.70 -27.38
CA THR A 66 -15.04 23.06 -27.19
C THR A 66 -14.51 22.42 -28.48
N THR A 67 -15.36 22.17 -29.49
CA THR A 67 -14.82 21.59 -30.72
C THR A 67 -14.66 22.62 -31.84
N THR A 68 -14.91 23.91 -31.57
CA THR A 68 -14.73 24.92 -32.63
C THR A 68 -13.88 26.11 -32.19
N MET A 69 -13.95 26.48 -30.91
CA MET A 69 -13.31 27.70 -30.46
C MET A 69 -11.79 27.54 -30.58
N GLN A 70 -11.11 28.59 -31.02
CA GLN A 70 -9.67 28.52 -31.26
C GLN A 70 -8.90 28.63 -29.95
N GLY A 71 -7.92 27.78 -29.79
CA GLY A 71 -7.02 27.83 -28.63
C GLY A 71 -6.58 26.42 -28.30
N SER A 72 -5.35 26.30 -27.78
CA SER A 72 -4.82 24.98 -27.48
C SER A 72 -5.53 24.32 -26.31
N GLN A 73 -6.26 25.10 -25.50
CA GLN A 73 -7.00 24.50 -24.39
C GLN A 73 -8.28 23.81 -24.83
N TYR A 74 -8.68 23.97 -26.09
CA TYR A 74 -9.93 23.42 -26.58
C TYR A 74 -9.67 22.19 -27.42
N ALA A 75 -10.75 21.50 -27.77
CA ALA A 75 -10.68 20.29 -28.57
C ALA A 75 -11.08 20.55 -30.01
N SER A 76 -10.65 21.70 -30.56
CA SER A 76 -10.91 22.13 -31.92
C SER A 76 -9.96 21.50 -32.94
N THR A 77 -8.92 20.82 -32.49
CA THR A 77 -7.89 20.20 -33.31
C THR A 77 -7.76 18.74 -32.93
N PRO A 78 -7.13 17.92 -33.79
CA PRO A 78 -6.91 16.53 -33.39
C PRO A 78 -6.06 16.42 -32.14
N GLU A 79 -5.06 17.31 -31.99
CA GLU A 79 -4.22 17.29 -30.80
C GLU A 79 -5.04 17.57 -29.54
N GLY A 80 -5.98 18.52 -29.63
CA GLY A 80 -6.82 18.82 -28.48
C GLY A 80 -7.79 17.71 -28.15
N LYS A 81 -8.38 17.09 -29.18
CA LYS A 81 -9.24 15.93 -28.95
C LYS A 81 -8.46 14.82 -28.24
N ALA A 82 -7.21 14.60 -28.65
CA ALA A 82 -6.39 13.56 -28.03
C ALA A 82 -6.05 13.90 -26.58
N LYS A 83 -5.71 15.17 -26.29
CA LYS A 83 -5.50 15.57 -24.90
C LYS A 83 -6.74 15.31 -24.06
N CYS A 84 -7.91 15.61 -24.61
CA CYS A 84 -9.15 15.48 -23.84
C CYS A 84 -9.45 14.02 -23.52
N ALA A 85 -9.39 13.16 -24.55
CA ALA A 85 -9.59 11.73 -24.32
C ALA A 85 -8.58 11.19 -23.32
N ARG A 86 -7.31 11.60 -23.43
CA ARG A 86 -6.28 11.23 -22.47
C ARG A 86 -6.69 11.59 -21.04
N ASP A 87 -7.11 12.84 -20.83
CA ASP A 87 -7.47 13.29 -19.49
C ASP A 87 -8.66 12.49 -18.95
N ILE A 88 -9.67 12.27 -19.79
CA ILE A 88 -10.82 11.49 -19.34
C ILE A 88 -10.38 10.09 -18.93
N GLY A 89 -9.51 9.46 -19.72
CA GLY A 89 -8.94 8.17 -19.33
C GLY A 89 -8.20 8.24 -17.99
N TYR A 90 -7.50 9.34 -17.73
CA TYR A 90 -6.85 9.49 -16.43
C TYR A 90 -7.86 9.40 -15.30
N TYR A 91 -8.98 10.13 -15.42
CA TYR A 91 -9.98 10.14 -14.36
C TYR A 91 -10.53 8.72 -14.15
N LEU A 92 -10.87 8.03 -15.24
CA LEU A 92 -11.37 6.65 -15.10
C LEU A 92 -10.33 5.74 -14.45
N ARG A 93 -9.08 5.84 -14.90
CA ARG A 93 -7.99 5.07 -14.30
C ARG A 93 -7.94 5.33 -12.79
N MET A 94 -8.04 6.60 -12.38
CA MET A 94 -8.00 6.91 -10.95
C MET A 94 -9.16 6.27 -10.20
N VAL A 95 -10.35 6.25 -10.81
CA VAL A 95 -11.48 5.58 -10.16
C VAL A 95 -11.14 4.12 -9.92
N THR A 96 -10.56 3.44 -10.92
CA THR A 96 -10.22 2.03 -10.74
C THR A 96 -9.17 1.85 -9.65
N TYR A 97 -8.21 2.77 -9.57
CA TYR A 97 -7.18 2.65 -8.53
C TYR A 97 -7.77 2.81 -7.13
N CYS A 98 -8.69 3.77 -6.95
CA CYS A 98 -9.37 3.94 -5.67
C CYS A 98 -10.11 2.66 -5.26
N LEU A 99 -10.79 2.03 -6.22
CA LEU A 99 -11.48 0.78 -5.92
C LEU A 99 -10.49 -0.29 -5.46
N VAL A 100 -9.34 -0.39 -6.12
CA VAL A 100 -8.31 -1.38 -5.74
C VAL A 100 -7.71 -1.07 -4.38
N ALA A 101 -7.41 0.20 -4.11
CA ALA A 101 -6.71 0.59 -2.89
C ALA A 101 -7.64 0.70 -1.69
N GLY A 102 -8.97 0.73 -1.93
CA GLY A 102 -9.89 0.86 -0.82
C GLY A 102 -10.07 2.26 -0.29
N GLY A 103 -9.78 3.29 -1.09
CA GLY A 103 -10.04 4.64 -0.63
C GLY A 103 -9.66 5.63 -1.70
N THR A 104 -9.75 6.92 -1.33
CA THR A 104 -9.49 8.01 -2.27
C THR A 104 -8.02 8.28 -2.52
N GLY A 105 -7.11 7.67 -1.76
CA GLY A 105 -5.70 7.99 -1.80
C GLY A 105 -5.07 8.14 -3.18
N PRO A 106 -5.29 7.19 -4.08
CA PRO A 106 -4.66 7.33 -5.41
C PRO A 106 -5.15 8.59 -6.12
N MET A 107 -6.46 8.85 -6.10
CA MET A 107 -6.98 10.07 -6.72
CA MET A 107 -6.98 10.06 -6.72
C MET A 107 -6.47 11.31 -6.02
N ASP A 108 -6.43 11.28 -4.67
CA ASP A 108 -5.87 12.40 -3.91
C ASP A 108 -4.47 12.75 -4.36
N GLU A 109 -3.61 11.75 -4.47
CA GLU A 109 -2.19 11.99 -4.71
C GLU A 109 -1.87 12.28 -6.17
N TYR A 110 -2.49 11.54 -7.10
CA TYR A 110 -2.05 11.64 -8.49
C TYR A 110 -2.87 12.65 -9.29
N LEU A 111 -4.07 13.02 -8.82
CA LEU A 111 -4.96 13.88 -9.59
C LEU A 111 -5.44 15.11 -8.83
N ILE A 112 -5.92 14.94 -7.60
CA ILE A 112 -6.57 16.09 -6.95
C ILE A 112 -5.56 17.11 -6.44
N ALA A 113 -4.43 16.67 -5.86
CA ALA A 113 -3.42 17.63 -5.44
C ALA A 113 -2.89 18.39 -6.64
N GLY A 114 -3.08 19.71 -6.64
CA GLY A 114 -2.69 20.54 -7.77
C GLY A 114 -3.75 20.72 -8.84
N LEU A 115 -4.89 20.08 -8.69
CA LEU A 115 -5.92 20.10 -9.75
C LEU A 115 -6.38 21.52 -10.04
N SER A 116 -6.75 22.26 -9.01
CA SER A 116 -7.27 23.60 -9.23
C SER A 116 -6.25 24.46 -9.96
N GLU A 117 -4.97 24.33 -9.60
CA GLU A 117 -3.91 25.12 -10.23
C GLU A 117 -3.71 24.72 -11.69
N ILE A 118 -3.82 23.43 -11.99
CA ILE A 118 -3.65 22.97 -13.36
C ILE A 118 -4.80 23.48 -14.22
N ASN A 119 -6.03 23.34 -13.73
CA ASN A 119 -7.18 23.76 -14.53
C ASN A 119 -7.14 25.27 -14.76
N SER A 120 -6.70 26.02 -13.75
CA SER A 120 -6.57 27.46 -13.92
C SER A 120 -5.47 27.81 -14.93
N THR A 121 -4.27 27.26 -14.72
CA THR A 121 -3.14 27.64 -15.58
C THR A 121 -3.40 27.30 -17.03
N PHE A 122 -3.94 26.11 -17.29
CA PHE A 122 -4.14 25.62 -18.65
C PHE A 122 -5.54 25.93 -19.19
N ASP A 123 -6.33 26.71 -18.45
CA ASP A 123 -7.63 27.18 -18.95
CA ASP A 123 -7.63 27.19 -18.93
C ASP A 123 -8.57 26.03 -19.27
N LEU A 124 -8.59 25.01 -18.41
CA LEU A 124 -9.47 23.87 -18.58
C LEU A 124 -10.68 24.06 -17.68
N SER A 125 -11.87 23.91 -18.24
CA SER A 125 -13.06 24.16 -17.43
C SER A 125 -13.41 22.94 -16.59
N PRO A 126 -13.57 23.09 -15.28
CA PRO A 126 -14.01 21.94 -14.46
C PRO A 126 -15.31 21.33 -14.98
N SER A 127 -16.21 22.15 -15.51
CA SER A 127 -17.48 21.66 -16.02
C SER A 127 -17.30 20.58 -17.07
N TRP A 128 -16.23 20.65 -17.87
CA TRP A 128 -16.01 19.61 -18.89
C TRP A 128 -15.86 18.25 -18.23
N TYR A 129 -15.04 18.19 -17.18
CA TYR A 129 -14.72 16.93 -16.53
C TYR A 129 -15.88 16.43 -15.68
N ILE A 130 -16.65 17.34 -15.09
CA ILE A 130 -17.87 16.94 -14.41
C ILE A 130 -18.82 16.23 -15.39
N GLU A 131 -19.00 16.78 -16.59
CA GLU A 131 -19.88 16.12 -17.55
C GLU A 131 -19.36 14.74 -17.95
N ALA A 132 -18.05 14.62 -18.17
CA ALA A 132 -17.49 13.31 -18.47
C ALA A 132 -17.77 12.33 -17.35
N LEU A 133 -17.61 12.77 -16.11
CA LEU A 133 -17.83 11.90 -14.94
C LEU A 133 -19.29 11.48 -14.82
N LYS A 134 -20.22 12.40 -15.10
CA LYS A 134 -21.64 12.04 -15.11
C LYS A 134 -21.94 11.00 -16.17
N TYR A 135 -21.33 11.10 -17.35
CA TYR A 135 -21.54 10.10 -18.39
C TYR A 135 -21.05 8.74 -17.91
N ILE A 136 -19.88 8.71 -17.28
CA ILE A 136 -19.33 7.43 -16.83
C ILE A 136 -20.26 6.79 -15.81
N LYS A 137 -20.76 7.58 -14.87
CA LYS A 137 -21.72 7.07 -13.88
C LYS A 137 -22.96 6.49 -14.56
N ALA A 138 -23.45 7.17 -15.61
CA ALA A 138 -24.68 6.72 -16.26
C ALA A 138 -24.49 5.48 -17.11
N ASN A 139 -23.23 5.11 -17.43
CA ASN A 139 -23.01 4.09 -18.45
C ASN A 139 -22.08 2.96 -18.04
N HIS A 140 -21.51 3.01 -16.84
CA HIS A 140 -20.63 1.92 -16.43
C HIS A 140 -21.38 0.62 -16.16
N GLY A 141 -22.70 0.66 -15.95
CA GLY A 141 -23.45 -0.58 -15.79
C GLY A 141 -23.19 -1.35 -14.51
N LEU A 142 -22.49 -0.77 -13.54
CA LEU A 142 -22.28 -1.45 -12.27
C LEU A 142 -23.55 -1.45 -11.45
N THR A 143 -23.68 -2.44 -10.57
CA THR A 143 -24.84 -2.57 -9.70
C THR A 143 -24.38 -2.88 -8.28
N GLY A 144 -25.34 -2.81 -7.36
CA GLY A 144 -25.09 -3.16 -5.98
C GLY A 144 -23.96 -2.37 -5.35
N GLN A 145 -23.18 -3.06 -4.51
CA GLN A 145 -22.09 -2.39 -3.80
C GLN A 145 -21.06 -1.83 -4.77
N ALA A 146 -20.82 -2.51 -5.90
CA ALA A 146 -19.88 -2.00 -6.89
C ALA A 146 -20.28 -0.60 -7.34
N ALA A 147 -21.58 -0.37 -7.54
CA ALA A 147 -22.04 0.95 -7.96
C ALA A 147 -21.88 1.97 -6.85
N VAL A 148 -22.18 1.59 -5.60
CA VAL A 148 -21.97 2.52 -4.48
C VAL A 148 -20.52 2.98 -4.43
N GLU A 149 -19.58 2.03 -4.54
CA GLU A 149 -18.17 2.36 -4.39
CA GLU A 149 -18.17 2.35 -4.40
C GLU A 149 -17.67 3.17 -5.58
N ALA A 150 -17.95 2.71 -6.79
CA ALA A 150 -17.50 3.45 -7.96
C ALA A 150 -18.06 4.86 -7.98
N ASN A 151 -19.35 4.99 -7.68
CA ASN A 151 -19.98 6.31 -7.71
C ASN A 151 -19.52 7.17 -6.56
N ALA A 152 -19.11 6.55 -5.44
CA ALA A 152 -18.49 7.35 -4.38
C ALA A 152 -17.24 8.02 -4.88
N TYR A 153 -16.39 7.28 -5.61
CA TYR A 153 -15.16 7.88 -6.10
C TYR A 153 -15.43 8.89 -7.21
N ILE A 154 -16.42 8.61 -8.05
CA ILE A 154 -16.79 9.56 -9.10
C ILE A 154 -17.35 10.84 -8.48
N ASP A 155 -18.24 10.70 -7.49
CA ASP A 155 -18.81 11.89 -6.84
C ASP A 155 -17.74 12.65 -6.08
N TYR A 156 -16.74 11.95 -5.54
CA TYR A 156 -15.62 12.61 -4.88
C TYR A 156 -14.83 13.46 -5.86
N ALA A 157 -14.57 12.92 -7.05
CA ALA A 157 -13.93 13.70 -8.11
C ALA A 157 -14.78 14.90 -8.51
N ILE A 158 -16.09 14.71 -8.67
CA ILE A 158 -16.96 15.84 -8.98
C ILE A 158 -16.87 16.91 -7.90
N ASN A 159 -16.85 16.50 -6.63
CA ASN A 159 -16.72 17.48 -5.56
C ASN A 159 -15.40 18.24 -5.66
N ALA A 160 -14.32 17.54 -6.04
CA ALA A 160 -13.02 18.20 -6.14
C ALA A 160 -12.99 19.24 -7.24
N LEU A 161 -13.84 19.06 -8.26
CA LEU A 161 -13.97 19.98 -9.38
C LEU A 161 -14.98 21.09 -9.13
N SER A 162 -15.64 21.11 -7.98
CA SER A 162 -16.79 21.96 -7.75
C SER A 162 -16.44 23.12 -6.82
N MET B 1 3.66 5.28 3.34
CA MET B 1 3.86 3.82 3.09
C MET B 1 2.87 3.32 2.05
N LEU B 2 3.19 2.18 1.45
CA LEU B 2 2.25 1.48 0.58
C LEU B 2 1.88 0.14 1.22
N ASP B 3 0.63 -0.28 1.04
CA ASP B 3 0.28 -1.68 1.22
C ASP B 3 0.37 -2.36 -0.15
N ALA B 4 0.05 -3.65 -0.21
CA ALA B 4 0.18 -4.39 -1.46
C ALA B 4 -0.71 -3.81 -2.56
N PHE B 5 -1.88 -3.30 -2.19
CA PHE B 5 -2.81 -2.73 -3.16
C PHE B 5 -2.29 -1.42 -3.72
N ALA B 6 -1.88 -0.51 -2.82
CA ALA B 6 -1.32 0.76 -3.24
C ALA B 6 -0.04 0.57 -4.05
N LYS B 7 0.77 -0.46 -3.74
CA LYS B 7 1.98 -0.74 -4.50
C LYS B 7 1.68 -1.08 -5.95
N VAL B 8 0.73 -1.97 -6.18
CA VAL B 8 0.33 -2.28 -7.55
C VAL B 8 -0.20 -1.02 -8.27
N VAL B 9 -1.02 -0.23 -7.57
CA VAL B 9 -1.53 1.02 -8.13
C VAL B 9 -0.39 1.96 -8.53
N ALA B 10 0.61 2.10 -7.65
CA ALA B 10 1.75 2.97 -7.93
C ALA B 10 2.54 2.47 -9.14
N GLN B 11 2.70 1.15 -9.26
CA GLN B 11 3.41 0.60 -10.40
C GLN B 11 2.64 0.84 -11.68
N ALA B 12 1.31 0.69 -11.62
CA ALA B 12 0.46 0.91 -12.78
C ALA B 12 0.46 2.38 -13.18
N ASP B 13 0.36 3.28 -12.20
CA ASP B 13 0.30 4.70 -12.53
C ASP B 13 1.58 5.19 -13.22
N ALA B 14 2.74 4.73 -12.76
CA ALA B 14 3.98 5.15 -13.38
C ALA B 14 4.06 4.73 -14.84
N ARG B 15 3.28 3.73 -15.24
CA ARG B 15 3.21 3.29 -16.63
C ARG B 15 1.98 3.84 -17.33
N GLY B 16 1.12 4.57 -16.61
CA GLY B 16 -0.11 5.09 -17.19
C GLY B 16 -1.10 4.03 -17.58
N GLU B 17 -1.13 2.92 -16.83
CA GLU B 17 -1.88 1.73 -17.25
C GLU B 17 -2.96 1.36 -16.24
N PHE B 18 -4.09 0.91 -16.76
CA PHE B 18 -5.02 0.16 -15.91
C PHE B 18 -4.33 -1.11 -15.45
N LEU B 19 -4.78 -1.66 -14.33
CA LEU B 19 -4.21 -2.93 -13.88
C LEU B 19 -4.41 -4.01 -14.93
N THR B 20 -3.38 -4.87 -15.08
CA THR B 20 -3.48 -6.04 -15.92
CA THR B 20 -3.48 -6.04 -15.92
C THR B 20 -4.25 -7.16 -15.19
N ASN B 21 -4.64 -8.19 -15.95
CA ASN B 21 -5.29 -9.33 -15.32
C ASN B 21 -4.37 -9.99 -14.28
N ALA B 22 -3.06 -10.01 -14.56
CA ALA B 22 -2.12 -10.61 -13.61
C ALA B 22 -2.11 -9.85 -12.29
N GLN B 23 -2.14 -8.52 -12.36
CA GLN B 23 -2.16 -7.70 -11.15
C GLN B 23 -3.46 -7.91 -10.38
N PHE B 24 -4.60 -7.88 -11.07
CA PHE B 24 -5.87 -8.18 -10.41
C PHE B 24 -5.85 -9.56 -9.78
N ASP B 25 -5.32 -10.55 -10.51
CA ASP B 25 -5.29 -11.92 -9.97
C ASP B 25 -4.38 -12.00 -8.75
N ALA B 26 -3.22 -11.33 -8.80
CA ALA B 26 -2.30 -11.36 -7.68
C ALA B 26 -2.95 -10.79 -6.42
N LEU B 27 -3.67 -9.67 -6.56
CA LEU B 27 -4.30 -9.04 -5.39
C LEU B 27 -5.49 -9.86 -4.89
N SER B 28 -6.24 -10.47 -5.80
CA SER B 28 -7.35 -11.32 -5.38
CA SER B 28 -7.34 -11.32 -5.38
C SER B 28 -6.84 -12.51 -4.59
N ASN B 29 -5.72 -13.10 -5.00
CA ASN B 29 -5.15 -14.22 -4.26
C ASN B 29 -4.68 -13.79 -2.88
N LEU B 30 -4.09 -12.59 -2.77
CA LEU B 30 -3.69 -12.08 -1.46
C LEU B 30 -4.88 -12.03 -0.51
N VAL B 31 -5.99 -11.47 -0.98
CA VAL B 31 -7.21 -11.39 -0.17
C VAL B 31 -7.75 -12.78 0.15
N LYS B 32 -7.78 -13.68 -0.84
CA LYS B 32 -8.26 -15.03 -0.59
C LYS B 32 -7.48 -15.69 0.54
N GLU B 33 -6.21 -15.36 0.69
CA GLU B 33 -5.37 -15.97 1.71
C GLU B 33 -5.19 -15.07 2.94
N GLY B 34 -6.02 -14.03 3.07
CA GLY B 34 -5.77 -13.00 4.07
C GLY B 34 -5.89 -13.48 5.50
N ASN B 35 -6.76 -14.47 5.77
CA ASN B 35 -6.86 -14.99 7.13
C ASN B 35 -5.51 -15.49 7.64
N LYS B 36 -4.74 -16.17 6.78
CA LYS B 36 -3.42 -16.65 7.19
C LYS B 36 -2.49 -15.49 7.54
N ARG B 37 -2.53 -14.42 6.76
CA ARG B 37 -1.75 -13.22 7.06
C ARG B 37 -2.12 -12.66 8.42
N LEU B 38 -3.43 -12.61 8.73
CA LEU B 38 -3.87 -12.11 10.02
C LEU B 38 -3.40 -12.99 11.17
N ASP B 39 -3.49 -14.32 11.00
CA ASP B 39 -2.97 -15.22 12.04
C ASP B 39 -1.47 -14.99 12.26
N ALA B 40 -0.71 -14.84 11.18
CA ALA B 40 0.74 -14.63 11.32
C ALA B 40 1.04 -13.37 12.12
N VAL B 41 0.37 -12.26 11.77
CA VAL B 41 0.61 -11.00 12.48
C VAL B 41 0.19 -11.13 13.94
N ASN B 42 -0.98 -11.73 14.18
CA ASN B 42 -1.49 -11.94 15.53
C ASN B 42 -0.52 -12.77 16.36
N ARG B 43 -0.06 -13.89 15.78
CA ARG B 43 0.79 -14.80 16.53
C ARG B 43 2.16 -14.17 16.83
N ILE B 44 2.78 -13.53 15.84
CA ILE B 44 4.07 -12.89 16.08
C ILE B 44 3.92 -11.76 17.10
N THR B 45 2.87 -10.94 16.95
CA THR B 45 2.68 -9.80 17.85
C THR B 45 2.46 -10.27 19.28
N SER B 46 1.63 -11.30 19.48
CA SER B 46 1.32 -11.78 20.83
C SER B 46 2.54 -12.37 21.53
N ASN B 47 3.54 -12.82 20.77
CA ASN B 47 4.75 -13.40 21.33
C ASN B 47 5.97 -12.51 21.14
N ALA B 48 5.75 -11.21 20.89
CA ALA B 48 6.87 -10.34 20.52
C ALA B 48 7.94 -10.30 21.61
N SER B 49 7.54 -10.16 22.87
CA SER B 49 8.54 -10.02 23.95
C SER B 49 9.42 -11.27 24.04
N THR B 50 8.82 -12.45 23.89
CA THR B 50 9.58 -13.70 23.95
C THR B 50 10.51 -13.83 22.75
N ILE B 51 10.02 -13.46 21.58
CA ILE B 51 10.83 -13.54 20.37
C ILE B 51 12.09 -12.69 20.53
N VAL B 52 11.93 -11.47 21.04
CA VAL B 52 13.08 -10.58 21.24
C VAL B 52 14.04 -11.13 22.28
N ALA B 53 13.52 -11.46 23.46
CA ALA B 53 14.39 -11.88 24.56
C ALA B 53 15.12 -13.18 24.24
N ASN B 54 14.43 -14.16 23.65
CA ASN B 54 15.09 -15.41 23.31
C ASN B 54 16.15 -15.18 22.25
N ALA B 55 15.84 -14.35 21.24
CA ALA B 55 16.79 -14.06 20.17
C ALA B 55 18.02 -13.34 20.72
N ALA B 56 17.81 -12.45 21.67
CA ALA B 56 18.93 -11.74 22.30
C ALA B 56 19.82 -12.72 23.08
N ARG B 57 19.22 -13.57 23.91
CA ARG B 57 19.99 -14.58 24.61
C ARG B 57 20.80 -15.42 23.63
N ALA B 58 20.18 -15.78 22.49
CA ALA B 58 20.88 -16.65 21.54
C ALA B 58 22.04 -15.89 20.87
N LEU B 59 21.83 -14.61 20.55
CA LEU B 59 22.89 -13.80 19.97
C LEU B 59 24.10 -13.74 20.88
N PHE B 60 23.89 -13.45 22.17
CA PHE B 60 25.01 -13.26 23.08
C PHE B 60 25.72 -14.57 23.40
N ALA B 61 25.00 -15.69 23.36
CA ALA B 61 25.65 -16.98 23.51
C ALA B 61 26.58 -17.25 22.34
N GLU B 62 26.19 -16.80 21.16
CA GLU B 62 26.95 -17.06 19.94
C GLU B 62 28.07 -16.06 19.76
N GLN B 63 27.88 -14.84 20.27
CA GLN B 63 28.83 -13.73 20.11
C GLN B 63 29.11 -13.13 21.48
N PRO B 64 29.82 -13.85 22.34
CA PRO B 64 30.08 -13.32 23.67
C PRO B 64 30.90 -12.05 23.66
N GLN B 65 31.64 -11.78 22.59
CA GLN B 65 32.37 -10.52 22.51
C GLN B 65 31.45 -9.31 22.70
N LEU B 66 30.17 -9.43 22.31
CA LEU B 66 29.28 -8.29 22.47
C LEU B 66 29.05 -7.91 23.93
N ILE B 67 29.15 -8.87 24.84
CA ILE B 67 28.90 -8.66 26.27
C ILE B 67 30.15 -8.79 27.11
N GLN B 68 31.29 -8.80 26.50
CA GLN B 68 32.49 -8.61 27.30
CA GLN B 68 32.49 -8.61 27.30
C GLN B 68 32.66 -7.11 27.57
N PRO B 69 33.26 -6.73 28.70
CA PRO B 69 33.50 -5.30 28.94
C PRO B 69 34.16 -4.67 27.73
N GLY B 70 33.66 -3.51 27.33
CA GLY B 70 34.10 -2.85 26.11
C GLY B 70 33.29 -3.20 24.89
N GLY B 71 32.56 -4.31 24.90
CA GLY B 71 31.74 -4.75 23.78
C GLY B 71 30.53 -3.87 23.58
N MEN B 72 29.92 -3.95 22.40
CA MEN B 72 28.91 -2.99 22.07
C MEN B 72 27.59 -3.12 22.82
O MEN B 72 26.81 -2.18 22.89
CB MEN B 72 28.60 -2.93 20.55
CG MEN B 72 28.02 -1.58 20.15
OD1 MEN B 72 26.89 -1.50 19.67
ND2 MEN B 72 28.80 -0.45 20.32
CE2 MEN B 72 28.35 0.87 20.00
HA MEN B 72 29.25 -1.99 22.49
HB2 MEN B 72 27.88 -3.76 20.33
HB3 MEN B 72 29.56 -3.14 20.02
HD2 MEN B 72 29.71 -0.54 20.69
HE21 MEN B 72 28.84 1.22 19.05
HE22 MEN B 72 28.60 1.58 20.83
HE23 MEN B 72 27.23 0.87 19.86
N ALA B 73 27.39 -4.28 23.45
CA ALA B 73 26.19 -4.48 24.27
C ALA B 73 26.48 -4.53 25.78
N TYR B 74 27.72 -4.22 26.14
CA TYR B 74 28.12 -4.12 27.55
C TYR B 74 27.67 -2.76 28.10
N THR B 75 27.39 -2.74 29.42
CA THR B 75 26.65 -1.70 30.14
C THR B 75 25.15 -1.91 29.94
N ASN B 76 24.34 -1.59 30.97
CA ASN B 76 22.91 -1.79 30.84
C ASN B 76 22.28 -0.81 29.87
N ARG B 77 22.87 0.39 29.69
CA ARG B 77 22.32 1.33 28.72
C ARG B 77 22.47 0.80 27.29
N ARG B 78 23.65 0.26 26.96
CA ARG B 78 23.83 -0.30 25.64
C ARG B 78 23.01 -1.57 25.45
N MET B 79 22.98 -2.46 26.45
CA MET B 79 22.12 -3.63 26.33
C MET B 79 20.67 -3.23 26.09
N ALA B 80 20.17 -2.25 26.85
CA ALA B 80 18.78 -1.83 26.68
C ALA B 80 18.54 -1.24 25.29
N ALA B 81 19.48 -0.44 24.79
CA ALA B 81 19.35 0.09 23.43
C ALA B 81 19.30 -1.04 22.41
N CYS B 82 20.12 -2.06 22.62
CA CYS B 82 20.14 -3.21 21.71
C CYS B 82 18.82 -3.96 21.72
N LEU B 83 18.28 -4.24 22.91
CA LEU B 83 16.99 -4.89 23.03
C LEU B 83 15.89 -4.04 22.39
N ARG B 84 15.95 -2.72 22.62
CA ARG B 84 15.00 -1.81 21.99
C ARG B 84 15.06 -1.91 20.47
N ASP B 85 16.27 -1.89 19.90
CA ASP B 85 16.39 -1.97 18.44
C ASP B 85 15.78 -3.25 17.90
N MET B 86 16.01 -4.38 18.60
CA MET B 86 15.43 -5.64 18.15
C MET B 86 13.92 -5.56 18.14
N GLU B 87 13.33 -4.96 19.18
CA GLU B 87 11.88 -4.85 19.25
C GLU B 87 11.35 -3.90 18.18
N ILE B 88 12.06 -2.79 17.93
CA ILE B 88 11.68 -1.86 16.87
C ILE B 88 11.64 -2.57 15.52
N ILE B 89 12.69 -3.34 15.21
CA ILE B 89 12.76 -3.98 13.90
C ILE B 89 11.66 -5.03 13.77
N LEU B 90 11.45 -5.82 14.82
CA LEU B 90 10.35 -6.78 14.79
C LEU B 90 9.03 -6.08 14.56
N ARG B 91 8.84 -4.93 15.22
CA ARG B 91 7.59 -4.18 15.10
C ARG B 91 7.33 -3.76 13.65
N TYR B 92 8.34 -3.14 13.00
CA TYR B 92 8.19 -2.73 11.60
C TYR B 92 8.03 -3.94 10.67
N VAL B 93 8.69 -5.06 10.99
CA VAL B 93 8.45 -6.29 10.19
C VAL B 93 6.99 -6.72 10.29
N THR B 94 6.40 -6.67 11.51
CA THR B 94 4.99 -7.07 11.60
C THR B 94 4.10 -6.13 10.80
N TYR B 95 4.45 -4.85 10.72
CA TYR B 95 3.67 -3.92 9.90
C TYR B 95 3.75 -4.29 8.41
N ALA B 96 4.97 -4.66 7.95
CA ALA B 96 5.16 -5.08 6.57
C ALA B 96 4.36 -6.33 6.26
N ILE B 97 4.31 -7.27 7.20
CA ILE B 97 3.49 -8.47 6.98
C ILE B 97 2.03 -8.11 6.84
N LEU B 98 1.52 -7.23 7.71
CA LEU B 98 0.12 -6.84 7.60
C LEU B 98 -0.15 -6.16 6.26
N ALA B 99 0.77 -5.28 5.84
CA ALA B 99 0.56 -4.52 4.61
C ALA B 99 0.77 -5.36 3.36
N GLY B 100 1.55 -6.42 3.43
CA GLY B 100 1.96 -7.15 2.24
C GLY B 100 2.92 -6.35 1.37
N ASP B 101 3.67 -5.44 1.97
CA ASP B 101 4.65 -4.65 1.22
C ASP B 101 5.71 -4.18 2.21
N SER B 102 6.95 -4.11 1.75
CA SER B 102 8.03 -3.74 2.65
C SER B 102 8.22 -2.23 2.83
N SER B 103 7.46 -1.38 2.12
CA SER B 103 7.77 0.05 2.15
C SER B 103 7.80 0.64 3.56
N VAL B 104 6.86 0.27 4.44
CA VAL B 104 6.87 0.86 5.78
C VAL B 104 8.16 0.52 6.51
N LEU B 105 8.64 -0.70 6.34
CA LEU B 105 9.89 -1.15 6.96
C LEU B 105 11.09 -0.43 6.36
N ASP B 106 11.11 -0.27 5.03
CA ASP B 106 12.19 0.42 4.38
C ASP B 106 12.22 1.87 4.81
N ASP B 107 11.06 2.55 4.76
CA ASP B 107 10.99 4.00 4.90
C ASP B 107 11.17 4.45 6.35
N ARG B 108 10.57 3.73 7.28
CA ARG B 108 10.50 4.17 8.68
C ARG B 108 11.46 3.43 9.60
N CYS B 109 12.24 2.48 9.09
CA CYS B 109 13.12 1.71 9.94
C CYS B 109 14.50 1.51 9.32
N LEU B 110 14.54 0.96 8.11
CA LEU B 110 15.81 0.51 7.55
C LEU B 110 16.60 1.62 6.87
N ASN B 111 15.93 2.62 6.30
CA ASN B 111 16.64 3.66 5.59
CA ASN B 111 16.64 3.65 5.58
C ASN B 111 17.55 4.42 6.53
N GLY B 112 18.85 4.43 6.23
CA GLY B 112 19.82 5.13 7.05
C GLY B 112 20.34 4.34 8.22
N LEU B 113 19.84 3.12 8.42
CA LEU B 113 20.18 2.39 9.64
C LEU B 113 21.62 1.88 9.61
N ARG B 114 22.08 1.37 8.47
CA ARG B 114 23.49 0.96 8.37
C ARG B 114 24.40 2.11 8.75
N GLU B 115 24.13 3.30 8.21
CA GLU B 115 24.97 4.47 8.49
C GLU B 115 24.91 4.88 9.96
N THR B 116 23.73 4.77 10.58
CA THR B 116 23.61 5.01 12.02
C THR B 116 24.52 4.08 12.81
N TYR B 117 24.50 2.79 12.50
CA TYR B 117 25.32 1.84 13.22
C TYR B 117 26.80 2.07 12.94
N GLN B 118 27.14 2.37 11.68
CA GLN B 118 28.53 2.65 11.34
C GLN B 118 29.08 3.79 12.19
N ALA B 119 28.28 4.85 12.38
CA ALA B 119 28.76 6.00 13.14
C ALA B 119 28.88 5.69 14.64
N LEU B 120 28.03 4.78 15.14
CA LEU B 120 28.09 4.37 16.54
C LEU B 120 29.21 3.37 16.79
N GLY B 121 29.68 2.69 15.75
CA GLY B 121 30.53 1.54 15.96
C GLY B 121 29.78 0.27 16.33
N THR B 122 28.46 0.23 16.14
CA THR B 122 27.70 -1.00 16.37
C THR B 122 27.94 -1.95 15.22
N PRO B 123 28.25 -3.25 15.49
CA PRO B 123 28.46 -4.19 14.37
C PRO B 123 27.16 -4.54 13.67
N GLY B 124 26.94 -3.99 12.47
CA GLY B 124 25.71 -4.27 11.77
C GLY B 124 25.51 -5.74 11.48
N SER B 125 26.60 -6.47 11.26
CA SER B 125 26.50 -7.90 11.01
C SER B 125 25.91 -8.64 12.19
N SER B 126 26.19 -8.18 13.43
CA SER B 126 25.58 -8.79 14.61
C SER B 126 24.10 -8.46 14.70
N VAL B 127 23.71 -7.24 14.31
CA VAL B 127 22.30 -6.92 14.25
C VAL B 127 21.59 -7.82 13.24
N ALA B 128 22.25 -8.07 12.10
CA ALA B 128 21.70 -8.99 11.10
C ALA B 128 21.47 -10.38 11.71
N VAL B 129 22.42 -10.87 12.51
CA VAL B 129 22.24 -12.18 13.13
C VAL B 129 21.06 -12.15 14.10
N ALA B 130 20.96 -11.09 14.90
CA ALA B 130 19.82 -10.94 15.81
C ALA B 130 18.50 -10.99 15.04
N ILE B 131 18.45 -10.30 13.90
CA ILE B 131 17.24 -10.32 13.06
C ILE B 131 16.95 -11.73 12.59
N GLN B 132 17.99 -12.46 12.15
CA GLN B 132 17.79 -13.81 11.67
C GLN B 132 17.28 -14.73 12.78
N LYS B 133 17.77 -14.55 14.00
CA LYS B 133 17.25 -15.36 15.09
C LYS B 133 15.79 -15.02 15.39
N MET B 134 15.42 -13.73 15.30
CA MET B 134 14.01 -13.39 15.44
C MET B 134 13.19 -13.98 14.29
N LYS B 135 13.73 -13.96 13.07
CA LYS B 135 13.04 -14.55 11.93
C LYS B 135 12.66 -16.00 12.20
N ASP B 136 13.66 -16.83 12.55
CA ASP B 136 13.40 -18.25 12.75
C ASP B 136 12.33 -18.47 13.81
N ALA B 137 12.41 -17.72 14.91
CA ALA B 137 11.45 -17.90 16.00
C ALA B 137 10.08 -17.42 15.59
N ALA B 138 10.01 -16.28 14.87
CA ALA B 138 8.74 -15.73 14.42
C ALA B 138 8.05 -16.67 13.45
N ILE B 139 8.81 -17.29 12.55
CA ILE B 139 8.18 -18.21 11.60
C ILE B 139 7.69 -19.47 12.30
N ALA B 140 8.47 -20.02 13.23
CA ALA B 140 8.02 -21.20 13.96
C ALA B 140 6.72 -20.92 14.71
N ILE B 141 6.59 -19.70 15.25
CA ILE B 141 5.38 -19.34 15.97
C ILE B 141 4.22 -19.10 14.99
N ALA B 142 4.47 -18.33 13.93
CA ALA B 142 3.42 -18.07 12.96
C ALA B 142 2.96 -19.35 12.28
N ASN B 143 3.86 -20.32 12.11
CA ASN B 143 3.56 -21.53 11.34
C ASN B 143 3.29 -22.74 12.23
N ASP B 144 3.00 -22.52 13.50
CA ASP B 144 2.73 -23.62 14.43
C ASP B 144 1.42 -24.31 14.03
N PRO B 145 1.41 -25.62 13.78
CA PRO B 145 0.17 -26.27 13.33
C PRO B 145 -0.90 -26.44 14.40
N ASN B 146 -0.57 -26.20 15.67
CA ASN B 146 -1.51 -26.45 16.76
C ASN B 146 -2.43 -25.25 16.97
N GLY B 147 -3.70 -25.52 17.25
CA GLY B 147 -4.64 -24.48 17.64
C GLY B 147 -5.11 -23.60 16.51
N ILE B 148 -5.17 -24.14 15.29
CA ILE B 148 -5.49 -23.34 14.12
C ILE B 148 -6.02 -24.31 13.08
N THR B 149 -6.88 -23.81 12.20
CA THR B 149 -7.43 -24.66 11.15
C THR B 149 -6.30 -25.11 10.23
N PRO B 150 -6.13 -26.41 10.00
CA PRO B 150 -5.00 -26.86 9.18
C PRO B 150 -5.08 -26.32 7.76
N GLY B 151 -3.92 -25.95 7.25
CA GLY B 151 -3.77 -25.48 5.88
C GLY B 151 -2.33 -25.11 5.63
N ASP B 152 -2.06 -24.76 4.37
CA ASP B 152 -0.70 -24.54 3.89
C ASP B 152 -0.39 -23.05 3.90
N CYS B 153 0.56 -22.65 4.73
CA CYS B 153 0.97 -21.25 4.78
C CYS B 153 2.41 -21.04 4.30
N SER B 154 2.94 -21.97 3.49
CA SER B 154 4.34 -21.90 3.09
C SER B 154 4.66 -20.64 2.27
N ALA B 155 3.75 -20.22 1.39
CA ALA B 155 4.00 -19.01 0.60
C ALA B 155 4.13 -17.81 1.52
N LEU B 156 3.21 -17.68 2.47
CA LEU B 156 3.27 -16.58 3.43
C LEU B 156 4.56 -16.64 4.24
N MET B 157 4.96 -17.83 4.69
CA MET B 157 6.19 -17.92 5.48
C MET B 157 7.40 -17.47 4.67
N SER B 158 7.44 -17.81 3.37
CA SER B 158 8.52 -17.32 2.53
C SER B 158 8.49 -15.80 2.42
N GLU B 159 7.29 -15.21 2.33
CA GLU B 159 7.19 -13.75 2.28
C GLU B 159 7.69 -13.14 3.59
N ILE B 160 7.28 -13.73 4.72
CA ILE B 160 7.71 -13.27 6.03
C ILE B 160 9.23 -13.33 6.14
N ALA B 161 9.81 -14.48 5.76
CA ALA B 161 11.27 -14.62 5.78
C ALA B 161 11.92 -13.52 4.94
N GLY B 162 11.29 -13.18 3.82
CA GLY B 162 11.82 -12.14 2.95
C GLY B 162 11.94 -10.79 3.64
N TYR B 163 10.92 -10.41 4.43
CA TYR B 163 11.00 -9.13 5.13
C TYR B 163 12.09 -9.15 6.19
N PHE B 164 12.20 -10.24 6.94
CA PHE B 164 13.28 -10.33 7.92
C PHE B 164 14.64 -10.28 7.22
N ASP B 165 14.78 -11.01 6.11
CA ASP B 165 16.05 -11.04 5.41
C ASP B 165 16.38 -9.68 4.82
N ARG B 166 15.36 -8.93 4.39
CA ARG B 166 15.57 -7.60 3.87
C ARG B 166 16.10 -6.68 4.96
N ALA B 167 15.54 -6.78 6.16
CA ALA B 167 16.06 -6.04 7.31
C ALA B 167 17.51 -6.42 7.61
N ALA B 168 17.82 -7.72 7.64
CA ALA B 168 19.19 -8.16 7.93
C ALA B 168 20.15 -7.65 6.86
N ALA B 169 19.77 -7.76 5.59
CA ALA B 169 20.63 -7.31 4.52
C ALA B 169 20.88 -5.80 4.56
N ALA B 170 19.95 -5.02 5.09
CA ALA B 170 20.09 -3.57 5.15
C ALA B 170 21.03 -3.10 6.24
N VAL B 171 21.39 -3.97 7.18
CA VAL B 171 22.31 -3.60 8.24
C VAL B 171 23.62 -4.38 8.23
N ALA B 172 23.68 -5.51 7.53
CA ALA B 172 24.87 -6.38 7.58
C ALA B 172 26.13 -5.68 7.10
CHA CYC C . -4.01 19.75 -21.07
NA CYC C . -4.66 18.22 -19.14
C1A CYC C . -3.83 19.20 -19.88
C2A CYC C . -2.63 19.51 -18.99
C3A CYC C . -2.76 18.71 -17.78
C4A CYC C . -4.00 17.91 -17.87
CMA CYC C . -1.74 18.76 -16.63
CAA CYC C . -1.51 20.47 -19.36
CBA CYC C . -0.23 19.72 -19.69
CGA CYC C . -0.41 18.73 -20.82
O1A CYC C . -0.37 17.48 -20.59
O2A CYC C . -0.60 19.20 -22.00
CHB CYC C . -4.68 16.93 -16.97
NB CYC C . -2.54 15.93 -16.19
C1B CYC C . -4.02 16.15 -16.19
C2B CYC C . -4.57 15.31 -15.13
C3B CYC C . -3.52 14.62 -14.46
C4B CYC C . -2.20 15.01 -15.06
CMB CYC C . -6.07 15.24 -14.83
CAB CYC C . -3.66 13.66 -13.29
CBB CYC C . -3.08 12.29 -13.63
OB CYC C . -1.10 14.65 -14.78
NC CYC C . -10.04 20.48 -23.76
C1C CYC C . -11.41 20.50 -24.33
C2C CYC C . -12.05 19.21 -23.97
C3C CYC C . -11.29 18.78 -22.71
C4C CYC C . -9.85 19.20 -23.05
CMC CYC C . -13.56 19.37 -23.73
CAC CYC C . -11.45 17.29 -22.43
CBC CYC C . -12.48 17.10 -21.31
OC CYC C . -11.86 21.43 -24.94
CHD CYC C . -8.73 18.68 -22.54
ND CYC C . -6.43 19.07 -21.58
C1D CYC C . -7.31 19.26 -22.61
C2D CYC C . -6.66 19.96 -23.61
C3D CYC C . -5.40 20.25 -23.18
C4D CYC C . -5.26 19.69 -21.94
CMD CYC C . -7.25 20.37 -24.97
CAD CYC C . -4.28 20.99 -23.88
CBD CYC C . -3.97 22.33 -23.19
CGD CYC C . -3.00 23.21 -24.01
O1D CYC C . -3.16 24.44 -23.98
O2D CYC C . -2.10 22.65 -24.70
HHA CYC C . -3.17 20.30 -21.48
HMA1 CYC C . -2.06 19.49 -15.89
HMA2 CYC C . -0.77 19.04 -17.02
HMA3 CYC C . -1.69 17.78 -16.16
HAA1 CYC C . -1.82 21.04 -20.24
HAA2 CYC C . -1.32 21.14 -18.54
HBA1 CYC C . 0.08 19.18 -18.80
HBA2 CYC C . 0.54 20.43 -19.97
HHB CYC C . -5.76 16.87 -16.98
HB CYC C . -1.89 16.33 -16.84
HMB1 CYC C . -6.24 14.62 -13.95
HMB2 CYC C . -6.45 16.24 -14.65
HMB3 CYC C . -6.59 14.80 -15.68
HAB1 CYC C . -3.13 14.06 -12.43
HAB2 CYC C . -4.71 13.55 -13.05
HBB1 CYC C . -3.88 11.64 -13.98
HBB2 CYC C . -2.63 11.86 -12.74
HBB3 CYC C . -2.33 12.39 -14.40
HC CYC C . -9.35 21.21 -23.85
H2C CYC C . -11.92 18.47 -24.76
H3C CYC C . -11.63 19.29 -21.82
HMC1 CYC C . -13.72 20.06 -22.91
HMC2 CYC C . -14.04 19.73 -24.62
HMC3 CYC C . -13.98 18.40 -23.47
HAC2 CYC C . -10.49 16.87 -22.11
HBC1 CYC C . -12.19 17.68 -20.44
HBC2 CYC C . -13.46 17.45 -21.66
HBC3 CYC C . -12.55 16.05 -21.04
HHD CYC C . -8.83 17.74 -22.01
HD CYC C . -6.60 18.57 -20.72
HMD1 CYC C . -7.93 21.20 -24.83
HMD2 CYC C . -6.44 20.67 -25.63
HMD3 CYC C . -7.77 19.52 -25.40
HAD1 CYC C . -3.38 20.38 -23.86
HAD2 CYC C . -4.57 21.19 -24.90
HBD1 CYC C . -4.90 22.87 -23.06
HBD2 CYC C . -3.52 22.13 -22.22
O2 TE4 D . 31.57 -17.57 14.07
C7 TE4 D . 30.89 -16.61 14.00
O1 TE4 D . 29.85 -16.50 13.06
C8 TE4 D . 29.87 -17.27 11.89
C9 TE4 D . 28.43 -17.55 11.42
N1 TE4 D . 27.64 -16.36 11.08
C14 TE4 D . 26.28 -16.54 11.57
C15 TE4 D . 28.14 -15.09 11.56
C4 TE4 D . 31.09 -15.43 14.95
C5 TE4 D . 31.32 -15.64 16.31
C6 TE4 D . 31.49 -14.56 17.17
C1 TE4 D . 31.41 -13.26 16.68
C2 TE4 D . 31.18 -13.06 15.33
C3 TE4 D . 31.02 -14.14 14.47
N2 TE4 D . 31.59 -12.12 17.58
C10 TE4 D . 30.91 -10.84 17.36
C11 TE4 D . 31.94 -9.71 17.35
C12 TE4 D . 31.35 -8.44 16.72
C13 TE4 D . 31.71 -7.22 17.57
H1 TE4 D . 30.37 -18.20 12.07
H2 TE4 D . 30.39 -16.72 11.11
H3 TE4 D . 27.92 -18.09 12.21
H4 TE4 D . 28.49 -18.18 10.53
H6 TE4 D . 26.30 -16.80 12.63
H7 TE4 D . 25.73 -15.62 11.43
H8 TE4 D . 25.79 -17.33 11.02
H9 TE4 D . 28.17 -15.10 12.65
H10 TE4 D . 29.15 -14.93 11.19
H11 TE4 D . 27.49 -14.28 11.22
H12 TE4 D . 31.37 -16.65 16.70
H13 TE4 D . 31.68 -14.73 18.22
H14 TE4 D . 31.12 -12.06 14.93
H15 TE4 D . 30.83 -13.97 13.42
H16 TE4 D . 32.19 -12.22 18.38
H17 TE4 D . 30.40 -10.87 16.40
H18 TE4 D . 30.19 -10.67 18.15
H19 TE4 D . 32.80 -10.02 16.78
H20 TE4 D . 32.24 -9.49 18.36
H21 TE4 D . 30.28 -8.54 16.66
H22 TE4 D . 31.76 -8.32 15.72
H23 TE4 D . 32.68 -7.37 18.03
H24 TE4 D . 31.74 -6.34 16.94
H25 TE4 D . 30.96 -7.09 18.34
CHA CYC E . 21.72 2.90 19.34
NA CYC E . 19.91 2.30 17.69
C1A CYC E . 20.82 3.19 18.43
C2A CYC E . 20.53 4.60 17.92
C3A CYC E . 19.46 4.52 16.94
C4A CYC E . 19.09 3.10 16.80
CMA CYC E . 18.89 5.72 16.18
CAA CYC E . 21.25 5.85 18.41
CBA CYC E . 20.31 6.72 19.25
CGA CYC E . 19.84 5.97 20.49
O1A CYC E . 18.61 6.02 20.79
O2A CYC E . 20.66 5.32 21.20
CHB CYC E . 18.05 2.43 15.93
NB CYC E . 16.30 4.20 16.46
C1B CYC E . 16.87 2.99 15.75
C2B CYC E . 15.82 2.53 14.81
C3B CYC E . 14.69 3.36 14.90
C4B CYC E . 14.91 4.44 15.90
CMB CYC E . 15.97 1.31 13.90
CAB CYC E . 13.42 3.23 14.06
CBB CYC E . 13.55 4.36 13.02
OB CYC E . 14.17 5.31 16.20
NC CYC E . 24.44 -3.22 20.08
C1C CYC E . 24.98 -4.56 19.93
C2C CYC E . 23.97 -5.38 19.22
C3C CYC E . 22.79 -4.49 18.89
C4C CYC E . 23.09 -3.13 19.47
CMC CYC E . 24.62 -5.97 17.95
CAC CYC E . 21.47 -5.10 19.39
CBC CYC E . 21.10 -6.34 18.56
OC CYC E . 26.05 -4.88 20.34
CHD CYC E . 22.32 -2.07 19.31
ND CYC E . 21.87 0.37 19.13
C1D CYC E . 22.53 -0.64 19.77
C2D CYC E . 23.32 -0.06 20.76
C3D CYC E . 23.12 1.27 20.74
C4D CYC E . 22.23 1.54 19.73
CMD CYC E . 24.25 -0.72 21.78
CAD CYC E . 23.73 2.35 21.63
CBD CYC E . 25.14 2.67 21.15
CGD CYC E . 25.83 3.63 22.10
O1D CYC E . 27.08 3.59 22.18
O2D CYC E . 25.17 4.47 22.77
HHA CYC E . 22.14 3.75 19.86
HMA1 CYC E . 18.17 6.24 16.81
HMA2 CYC E . 18.39 5.37 15.28
HMA3 CYC E . 19.69 6.40 15.91
HAA1 CYC E . 21.58 6.41 17.55
HAA2 CYC E . 22.09 5.55 19.01
HBA1 CYC E . 20.85 7.61 19.55
HBA2 CYC E . 19.45 6.99 18.66
HHB CYC E . 18.28 1.49 15.46
HB CYC E . 16.76 4.76 17.17
HMB1 CYC E . 14.99 0.98 13.57
HMB2 CYC E . 16.45 0.51 14.45
HMB3 CYC E . 16.58 1.57 13.05
HAB1 CYC E . 13.38 2.26 13.57
HAB2 CYC E . 12.54 3.37 14.67
HBB1 CYC E . 14.02 5.23 13.49
HBB2 CYC E . 14.16 4.02 12.19
HBB3 CYC E . 12.57 4.63 12.66
HC CYC E . 24.91 -2.45 20.53
H2C CYC E . 23.60 -6.15 19.89
H3C CYC E . 22.71 -4.37 17.81
HMC1 CYC E . 25.13 -5.17 17.40
HMC2 CYC E . 25.33 -6.74 18.22
HMC3 CYC E . 23.84 -6.40 17.31
HAC2 CYC E . 20.67 -4.37 19.30
HBC1 CYC E . 20.10 -6.67 18.81
HBC2 CYC E . 21.81 -7.14 18.77
HBC3 CYC E . 21.15 -6.09 17.50
HHD CYC E . 21.40 -2.25 18.77
HD CYC E . 21.23 0.27 18.36
HMD1 CYC E . 23.89 -1.72 22.01
HMD2 CYC E . 25.25 -0.77 21.39
HMD3 CYC E . 24.25 -0.13 22.70
HAD1 CYC E . 23.13 3.25 21.59
HAD2 CYC E . 23.77 1.99 22.66
HBD1 CYC E . 25.08 3.11 20.16
HBD2 CYC E . 25.71 1.74 21.10
CHA CYC F . -8.60 -19.52 8.95
NA CYC F . -7.83 -17.56 10.39
C1A CYC F . -8.81 -18.47 9.70
C2A CYC F . -10.18 -17.91 10.04
C3A CYC F . -10.06 -16.73 10.90
C4A CYC F . -8.59 -16.51 11.10
CMA CYC F . -11.21 -15.90 11.45
CAA CYC F . -11.52 -18.50 9.56
CBA CYC F . -12.11 -19.42 10.63
CGA CYC F . -11.12 -20.55 10.92
O1A CYC F . -10.80 -21.37 10.03
O2A CYC F . -10.65 -20.62 12.07
CHB CYC F . -7.88 -15.42 11.91
NB CYC F . -9.47 -13.48 11.34
C1B CYC F . -8.29 -14.18 12.01
C2B CYC F . -7.68 -13.13 12.89
C3B CYC F . -8.37 -11.90 12.79
C4B CYC F . -9.52 -12.05 11.83
CMB CYC F . -6.45 -13.43 13.75
CAB CYC F . -8.05 -10.60 13.51
CBB CYC F . -8.96 -10.46 14.73
OB CYC F . -10.31 -11.22 11.49
NC CYC F . -3.28 -22.94 9.32
C1C CYC F . -2.07 -23.80 9.42
C2C CYC F . -0.87 -22.91 9.39
C3C CYC F . -1.36 -21.47 9.57
C4C CYC F . -2.83 -21.50 9.21
CMC CYC F . 0.11 -23.32 10.51
CAC CYC F . -0.56 -20.54 8.63
CBC CYC F . -0.51 -19.12 9.24
OC CYC F . -2.09 -24.99 9.50
CHD CYC F . -3.65 -20.47 9.10
ND CYC F . -6.12 -19.83 9.21
C1D CYC F . -5.13 -20.60 8.68
C2D CYC F . -5.71 -21.44 7.75
C3D CYC F . -7.03 -21.17 7.71
C4D CYC F . -7.27 -20.18 8.60
CMD CYC F . -5.01 -22.50 6.89
CAD CYC F . -8.10 -21.83 6.85
CBD CYC F . -8.17 -21.29 5.42
CGD CYC F . -8.42 -19.78 5.41
O1D CYC F . -9.44 -19.28 5.95
O2D CYC F . -7.57 -19.02 4.86
HHA CYC F . -9.48 -19.97 8.52
HMA1 CYC F . -11.61 -15.27 10.66
HMA2 CYC F . -10.85 -15.26 12.25
HMA3 CYC F . -11.99 -16.56 11.82
HAA1 CYC F . -12.21 -17.70 9.35
HAA2 CYC F . -11.35 -19.08 8.65
HBA1 CYC F . -12.29 -18.86 11.54
HBA2 CYC F . -13.04 -19.84 10.27
HHB CYC F . -6.97 -15.69 12.43
HB CYC F . -10.10 -13.90 10.68
HMB1 CYC F . -5.72 -13.99 13.16
HMB2 CYC F . -6.74 -14.03 14.61
HMB3 CYC F . -6.00 -12.51 14.09
HAB1 CYC F . -7.01 -10.61 13.84
HAB2 CYC F . -8.21 -9.76 12.84
HBB1 CYC F . -10.00 -10.60 14.43
HBB2 CYC F . -8.69 -11.21 15.47
HBB3 CYC F . -8.84 -9.47 15.16
HC CYC F . -4.22 -23.26 9.31
H2C CYC F . -0.41 -22.97 8.42
H3C CYC F . -1.25 -21.16 10.60
HMC1 CYC F . -0.22 -22.89 11.45
HMC2 CYC F . 1.10 -22.96 10.27
HMC3 CYC F . 0.13 -24.41 10.59
HAC2 CYC F . 0.45 -20.92 8.52
HBC1 CYC F . 0.30 -18.57 8.79
HBC2 CYC F . -1.45 -18.61 9.04
HBC3 CYC F . -0.35 -19.19 10.32
HHD CYC F . -3.27 -19.48 9.33
HD CYC F . -6.00 -19.13 9.92
HMD1 CYC F . -5.52 -22.57 5.93
HMD2 CYC F . -3.98 -22.22 6.74
HMD3 CYC F . -5.05 -23.46 7.40
HAD1 CYC F . -7.90 -22.89 6.79
HAD2 CYC F . -9.07 -21.67 7.32
HBD1 CYC F . -8.99 -21.78 4.89
HBD2 CYC F . -7.24 -21.50 4.91
#